data_2DIO
#
_entry.id   2DIO
#
_cell.length_a   64.500
_cell.length_b   99.800
_cell.length_c   105.900
_cell.angle_alpha   90.00
_cell.angle_beta   90.00
_cell.angle_gamma   90.00
#
_symmetry.space_group_name_H-M   'P 21 21 21'
#
loop_
_entity.id
_entity.type
_entity.pdbx_description
1 polymer 'Allene oxide cyclase 2'
2 non-polymer GLYCEROL
3 non-polymer '11-[(2R,3S)-3-PENTYLOXIRAN-2-YL]UNDECANOIC ACID'
4 water water
#
_entity_poly.entity_id   1
_entity_poly.type   'polypeptide(L)'
_entity_poly.pdbx_seq_one_letter_code
;MRGSHHHHHHRSPSKVQELSVYEINELDRHSPKILKNAFSL(MSE)FGLGDLVPFTNKLYTGDLKKRVGITAGLCVVIEH
VPEKKGERFEATYSFYFGDYGHLSVQGPYLTYEDSFLAITGGAGIFEGAYGQVKLQQLVYPTKLFYTFYLKGLANDLPLE
LTGTPVPPSKDIEPAPEAKALEPSGVISNYTN
;
_entity_poly.pdbx_strand_id   A,B,C
#
loop_
_chem_comp.id
_chem_comp.type
_chem_comp.name
_chem_comp.formula
EOD non-polymer '11-[(2R,3S)-3-PENTYLOXIRAN-2-YL]UNDECANOIC ACID' 'C18 H34 O3'
GOL non-polymer GLYCEROL 'C3 H8 O3'
#
# COMPACT_ATOMS: atom_id res chain seq x y z
N LYS A 15 24.76 -4.70 -7.33
CA LYS A 15 23.64 -4.22 -6.47
C LYS A 15 22.33 -4.05 -7.25
N VAL A 16 22.21 -3.09 -8.17
CA VAL A 16 20.98 -2.92 -8.98
C VAL A 16 20.90 -4.04 -10.07
N GLN A 17 19.80 -4.81 -10.05
CA GLN A 17 19.46 -5.76 -11.12
C GLN A 17 18.26 -5.17 -11.87
N GLU A 18 18.44 -4.83 -13.14
CA GLU A 18 17.30 -4.27 -13.80
C GLU A 18 16.36 -5.30 -14.44
N LEU A 19 15.05 -5.12 -14.22
CA LEU A 19 14.05 -6.07 -14.69
C LEU A 19 12.97 -5.29 -15.44
N SER A 20 12.75 -5.65 -16.71
CA SER A 20 11.74 -4.96 -17.56
C SER A 20 10.63 -5.92 -17.86
N VAL A 21 9.39 -5.41 -17.88
CA VAL A 21 8.21 -6.18 -18.20
C VAL A 21 7.22 -5.35 -18.95
N TYR A 22 6.39 -6.01 -19.77
CA TYR A 22 5.28 -5.31 -20.47
C TYR A 22 3.96 -5.67 -19.79
N GLU A 23 3.19 -4.63 -19.44
CA GLU A 23 1.84 -4.85 -18.98
C GLU A 23 0.89 -4.54 -20.15
N ILE A 24 0.02 -5.50 -20.48
CA ILE A 24 -0.93 -5.37 -21.60
C ILE A 24 -2.33 -5.65 -21.11
N ASN A 25 -3.23 -4.70 -21.37
CA ASN A 25 -4.65 -4.94 -21.19
C ASN A 25 -5.26 -5.57 -22.44
N GLU A 26 -5.64 -6.85 -22.31
CA GLU A 26 -6.16 -7.59 -23.49
C GLU A 26 -7.71 -7.62 -23.47
N LEU A 27 -8.25 -6.87 -22.53
CA LEU A 27 -9.68 -6.59 -22.42
C LEU A 27 -10.54 -7.80 -22.05
N ASP A 28 -9.89 -8.84 -21.52
CA ASP A 28 -10.53 -10.12 -21.26
C ASP A 28 -10.52 -10.46 -19.75
N ARG A 29 -10.29 -9.42 -18.94
CA ARG A 29 -10.23 -9.59 -17.48
C ARG A 29 -11.16 -8.63 -16.74
N HIS A 30 -12.19 -8.13 -17.44
CA HIS A 30 -13.21 -7.24 -16.84
C HIS A 30 -12.65 -5.90 -16.40
N SER A 31 -11.50 -5.56 -16.95
CA SER A 31 -10.70 -4.48 -16.45
C SER A 31 -10.40 -3.45 -17.54
N PRO A 32 -10.42 -2.14 -17.19
CA PRO A 32 -10.65 -1.63 -15.83
C PRO A 32 -12.11 -1.64 -15.40
N LYS A 33 -12.33 -1.63 -14.09
CA LYS A 33 -13.69 -1.47 -13.56
C LYS A 33 -13.71 -0.07 -12.97
N ILE A 34 -14.52 0.83 -13.54
CA ILE A 34 -14.45 2.23 -13.07
C ILE A 34 -15.60 2.42 -12.06
N LEU A 35 -15.25 2.73 -10.80
CA LEU A 35 -16.28 3.17 -9.85
C LEU A 35 -16.34 4.74 -9.87
N LYS A 36 -17.40 5.32 -10.42
CA LYS A 36 -17.40 6.76 -10.70
C LYS A 36 -18.22 7.44 -9.61
N ASN A 37 -17.55 8.13 -8.71
CA ASN A 37 -18.19 8.84 -7.60
C ASN A 37 -17.93 10.36 -7.60
N ALA A 38 -16.97 10.84 -8.39
CA ALA A 38 -16.52 12.23 -8.30
C ALA A 38 -17.63 13.23 -8.57
N PHE A 39 -17.50 14.43 -7.95
CA PHE A 39 -18.22 15.68 -8.29
C PHE A 39 -18.28 16.07 -9.79
N SER A 40 -17.38 15.54 -10.64
CA SER A 40 -17.18 15.95 -12.04
C SER A 40 -17.60 14.95 -13.10
N LEU A 41 -17.90 15.48 -14.29
CA LEU A 41 -18.02 14.64 -15.48
C LEU A 41 -16.69 13.93 -15.86
N MSE A 42 -15.56 14.64 -15.76
CA MSE A 42 -14.27 14.02 -15.96
CA MSE A 42 -14.22 14.08 -15.94
C MSE A 42 -13.86 13.23 -14.71
O MSE A 42 -14.54 13.31 -13.64
CB MSE A 42 -13.21 15.08 -16.28
CB MSE A 42 -13.15 15.22 -16.07
CG MSE A 42 -13.45 15.81 -17.58
CG MSE A 42 -13.14 16.15 -17.33
SE MSE A 42 -14.38 17.51 -17.45
SE MSE A 42 -13.23 15.13 -18.98
CE MSE A 42 -15.39 17.46 -15.77
CE MSE A 42 -11.48 15.42 -19.78
N PHE A 43 -12.81 12.43 -14.82
CA PHE A 43 -12.29 11.78 -13.60
C PHE A 43 -12.04 12.86 -12.54
N GLY A 44 -12.28 12.53 -11.26
CA GLY A 44 -11.96 13.41 -10.16
C GLY A 44 -11.78 12.59 -8.89
N LEU A 45 -11.34 13.26 -7.83
CA LEU A 45 -11.21 12.61 -6.52
C LEU A 45 -12.57 11.96 -6.10
N GLY A 46 -12.52 10.72 -5.61
CA GLY A 46 -13.74 9.97 -5.41
C GLY A 46 -13.80 8.79 -6.32
N ASP A 47 -13.28 8.94 -7.56
CA ASP A 47 -13.29 7.86 -8.54
C ASP A 47 -12.19 6.84 -8.20
N LEU A 48 -12.57 5.57 -8.34
CA LEU A 48 -11.65 4.45 -8.02
C LEU A 48 -11.61 3.49 -9.16
N VAL A 49 -10.44 2.88 -9.40
CA VAL A 49 -10.31 1.99 -10.54
C VAL A 49 -9.54 0.75 -10.17
N PRO A 50 -10.24 -0.25 -9.64
CA PRO A 50 -9.63 -1.57 -9.49
C PRO A 50 -9.25 -2.09 -10.88
N PHE A 51 -8.11 -2.74 -10.98
CA PHE A 51 -7.64 -3.24 -12.26
C PHE A 51 -6.76 -4.50 -12.16
N THR A 52 -6.65 -5.12 -13.32
CA THR A 52 -5.75 -6.26 -13.49
C THR A 52 -5.51 -6.46 -14.95
N ASN A 53 -4.23 -6.44 -15.32
CA ASN A 53 -3.79 -6.64 -16.71
C ASN A 53 -2.86 -7.86 -16.82
N LYS A 54 -2.54 -8.26 -18.05
CA LYS A 54 -1.58 -9.32 -18.24
C LYS A 54 -0.15 -8.79 -18.21
N LEU A 55 0.79 -9.66 -17.80
CA LEU A 55 2.18 -9.29 -17.71
C LEU A 55 3.03 -10.29 -18.50
N TYR A 56 3.95 -9.73 -19.30
CA TYR A 56 4.86 -10.47 -20.19
C TYR A 56 6.31 -10.08 -19.88
N THR A 57 7.25 -10.95 -20.22
CA THR A 57 8.66 -10.64 -20.03
C THR A 57 9.09 -9.40 -20.88
N GLY A 58 10.23 -8.82 -20.51
CA GLY A 58 10.79 -7.67 -21.24
C GLY A 58 11.13 -7.93 -22.69
N ASP A 59 11.51 -9.17 -23.00
CA ASP A 59 11.75 -9.57 -24.36
C ASP A 59 10.48 -9.98 -25.13
N LEU A 60 9.33 -9.91 -24.45
CA LEU A 60 7.97 -10.22 -24.95
C LEU A 60 7.78 -11.69 -25.34
N LYS A 61 8.72 -12.55 -24.96
CA LYS A 61 8.66 -13.96 -25.41
C LYS A 61 7.72 -14.79 -24.54
N LYS A 62 7.56 -14.37 -23.28
CA LYS A 62 6.81 -15.21 -22.32
C LYS A 62 5.76 -14.48 -21.52
N ARG A 63 4.64 -15.14 -21.31
CA ARG A 63 3.63 -14.69 -20.35
C ARG A 63 4.12 -15.02 -18.93
N VAL A 64 4.23 -14.01 -18.06
CA VAL A 64 4.70 -14.27 -16.67
C VAL A 64 3.53 -14.28 -15.73
N GLY A 65 2.49 -13.50 -16.00
CA GLY A 65 1.52 -13.35 -14.92
C GLY A 65 0.62 -12.18 -15.13
N ILE A 66 0.37 -11.41 -14.07
CA ILE A 66 -0.69 -10.35 -14.06
C ILE A 66 -0.22 -9.18 -13.21
N THR A 67 -0.81 -8.00 -13.43
CA THR A 67 -0.81 -6.92 -12.42
C THR A 67 -2.17 -6.98 -11.73
N ALA A 68 -2.28 -6.47 -10.51
CA ALA A 68 -3.50 -6.53 -9.74
C ALA A 68 -3.39 -5.42 -8.66
N GLY A 69 -4.42 -4.58 -8.58
CA GLY A 69 -4.47 -3.55 -7.54
C GLY A 69 -5.53 -2.50 -7.81
N LEU A 70 -5.21 -1.28 -7.34
CA LEU A 70 -6.18 -0.20 -7.30
C LEU A 70 -5.54 1.11 -7.69
N CYS A 71 -6.18 1.78 -8.63
CA CYS A 71 -5.85 3.20 -8.91
C CYS A 71 -6.86 4.14 -8.19
N VAL A 72 -6.35 5.06 -7.37
CA VAL A 72 -7.20 6.07 -6.72
C VAL A 72 -7.05 7.37 -7.51
N VAL A 73 -8.15 7.87 -8.10
CA VAL A 73 -8.03 9.10 -8.89
C VAL A 73 -7.75 10.24 -7.91
N ILE A 74 -6.75 11.09 -8.23
CA ILE A 74 -6.37 12.25 -7.41
C ILE A 74 -6.91 13.56 -8.00
N GLU A 75 -6.75 13.74 -9.32
CA GLU A 75 -7.28 14.91 -9.94
C GLU A 75 -7.27 14.74 -11.41
N HIS A 76 -8.14 15.49 -12.10
CA HIS A 76 -7.97 15.70 -13.52
C HIS A 76 -6.94 16.81 -13.72
N VAL A 77 -6.14 16.68 -14.78
CA VAL A 77 -5.06 17.62 -15.12
C VAL A 77 -5.41 18.17 -16.55
N PRO A 78 -6.28 19.20 -16.60
CA PRO A 78 -6.83 19.69 -17.88
C PRO A 78 -5.75 20.18 -18.90
N GLU A 79 -4.72 20.85 -18.39
CA GLU A 79 -3.63 21.36 -19.23
C GLU A 79 -2.79 20.24 -19.89
N LYS A 80 -2.85 19.02 -19.35
CA LYS A 80 -2.12 17.89 -19.92
C LYS A 80 -3.06 16.87 -20.55
N LYS A 81 -4.35 17.21 -20.64
CA LYS A 81 -5.37 16.31 -21.20
C LYS A 81 -5.31 14.92 -20.54
N GLY A 82 -5.24 14.88 -19.21
CA GLY A 82 -5.12 13.53 -18.59
C GLY A 82 -5.33 13.56 -17.11
N GLU A 83 -5.01 12.44 -16.47
CA GLU A 83 -5.33 12.23 -15.05
C GLU A 83 -4.11 11.96 -14.25
N ARG A 84 -4.17 12.33 -12.98
CA ARG A 84 -3.26 11.83 -11.95
C ARG A 84 -3.99 10.77 -11.07
N PHE A 85 -3.39 9.59 -11.03
CA PHE A 85 -3.81 8.53 -10.11
C PHE A 85 -2.72 8.27 -9.06
N GLU A 86 -3.13 7.80 -7.89
CA GLU A 86 -2.27 7.21 -6.89
C GLU A 86 -2.54 5.69 -6.95
N ALA A 87 -1.51 4.89 -7.18
CA ALA A 87 -1.73 3.48 -7.46
C ALA A 87 -1.04 2.60 -6.41
N THR A 88 -1.72 1.50 -6.08
CA THR A 88 -1.22 0.53 -5.14
C THR A 88 -1.48 -0.83 -5.83
N TYR A 89 -0.41 -1.56 -6.15
CA TYR A 89 -0.60 -2.81 -6.91
C TYR A 89 0.60 -3.73 -6.95
N SER A 90 0.38 -4.97 -7.41
CA SER A 90 1.45 -5.97 -7.46
C SER A 90 1.60 -6.55 -8.86
N PHE A 91 2.79 -7.08 -9.12
CA PHE A 91 3.17 -7.68 -10.38
C PHE A 91 3.46 -9.13 -10.03
N TYR A 92 2.72 -10.05 -10.65
CA TYR A 92 2.84 -11.50 -10.33
C TYR A 92 3.67 -12.24 -11.38
N PHE A 93 4.64 -13.03 -10.92
CA PHE A 93 5.52 -13.74 -11.82
C PHE A 93 5.39 -15.28 -11.59
N GLY A 94 4.17 -15.82 -11.63
CA GLY A 94 4.03 -17.29 -11.50
C GLY A 94 4.62 -17.73 -10.15
N ASP A 95 5.35 -18.85 -10.19
CA ASP A 95 5.95 -19.42 -8.97
C ASP A 95 7.17 -18.65 -8.48
N TYR A 96 7.69 -17.73 -9.29
CA TYR A 96 8.78 -16.87 -8.80
C TYR A 96 8.42 -15.94 -7.65
N GLY A 97 7.15 -15.51 -7.57
CA GLY A 97 6.76 -14.54 -6.56
C GLY A 97 6.15 -13.26 -7.13
N HIS A 98 6.19 -12.19 -6.34
CA HIS A 98 5.62 -10.92 -6.79
C HIS A 98 6.42 -9.74 -6.32
N LEU A 99 6.18 -8.62 -7.00
CA LEU A 99 6.70 -7.30 -6.59
C LEU A 99 5.53 -6.43 -6.28
N SER A 100 5.62 -5.61 -5.20
CA SER A 100 4.61 -4.58 -4.89
C SER A 100 5.12 -3.14 -5.05
N VAL A 101 4.19 -2.22 -5.39
CA VAL A 101 4.57 -0.83 -5.66
C VAL A 101 3.54 0.14 -5.13
N GLN A 102 3.92 1.43 -5.03
CA GLN A 102 3.01 2.47 -4.58
CA GLN A 102 3.07 2.47 -4.46
C GLN A 102 3.58 3.74 -5.15
N GLY A 103 2.69 4.53 -5.72
CA GLY A 103 3.08 5.77 -6.36
C GLY A 103 2.22 6.31 -7.47
N PRO A 104 2.76 7.33 -8.17
CA PRO A 104 1.96 8.06 -9.09
C PRO A 104 1.82 7.33 -10.44
N TYR A 105 0.59 7.34 -10.96
CA TYR A 105 0.36 6.87 -12.31
C TYR A 105 -0.26 8.09 -13.02
N LEU A 106 0.44 8.66 -13.98
CA LEU A 106 -0.07 9.84 -14.73
C LEU A 106 -0.39 9.45 -16.13
N THR A 107 -1.62 9.67 -16.57
CA THR A 107 -1.99 9.17 -17.92
C THR A 107 -1.22 9.83 -19.05
N TYR A 108 -0.65 11.00 -18.82
CA TYR A 108 0.01 11.80 -19.85
C TYR A 108 1.56 11.80 -19.86
N GLU A 109 2.22 11.16 -18.87
CA GLU A 109 3.71 11.14 -18.87
C GLU A 109 4.28 10.03 -18.01
N ASP A 110 5.56 9.73 -18.20
CA ASP A 110 6.22 8.65 -17.44
C ASP A 110 6.33 9.04 -15.97
N SER A 111 6.46 8.03 -15.13
CA SER A 111 6.63 8.29 -13.73
C SER A 111 7.51 7.22 -13.12
N PHE A 112 7.85 7.43 -11.85
CA PHE A 112 8.53 6.43 -11.07
C PHE A 112 7.69 6.11 -9.83
N LEU A 113 7.56 4.80 -9.57
CA LEU A 113 6.88 4.28 -8.38
C LEU A 113 7.86 3.64 -7.37
N ALA A 114 7.46 3.65 -6.09
CA ALA A 114 8.27 3.00 -5.05
C ALA A 114 8.05 1.48 -5.09
N ILE A 115 9.17 0.74 -5.05
CA ILE A 115 9.10 -0.73 -4.80
C ILE A 115 8.92 -0.92 -3.31
N THR A 116 7.72 -1.34 -2.90
CA THR A 116 7.37 -1.38 -1.49
C THR A 116 7.78 -2.72 -0.85
N GLY A 117 8.02 -3.72 -1.67
CA GLY A 117 8.48 -5.03 -1.15
C GLY A 117 8.29 -6.13 -2.17
N GLY A 118 8.62 -7.36 -1.78
CA GLY A 118 8.42 -8.51 -2.66
C GLY A 118 8.28 -9.80 -1.89
N ALA A 119 7.91 -10.89 -2.58
CA ALA A 119 7.86 -12.25 -1.98
C ALA A 119 8.48 -13.20 -2.94
N GLY A 120 8.83 -14.40 -2.50
CA GLY A 120 9.44 -15.38 -3.40
C GLY A 120 10.87 -14.95 -3.71
N ILE A 121 11.26 -15.00 -4.97
CA ILE A 121 12.62 -14.53 -5.34
C ILE A 121 12.82 -13.02 -5.10
N PHE A 122 11.70 -12.30 -4.98
CA PHE A 122 11.73 -10.85 -4.80
C PHE A 122 11.71 -10.47 -3.34
N GLU A 123 11.78 -11.45 -2.42
CA GLU A 123 11.90 -11.11 -1.00
C GLU A 123 13.04 -10.13 -0.80
N GLY A 124 12.79 -9.05 -0.06
CA GLY A 124 13.87 -8.10 0.21
C GLY A 124 13.97 -6.99 -0.82
N ALA A 125 13.19 -7.09 -1.88
CA ALA A 125 13.17 -6.09 -2.96
C ALA A 125 12.96 -4.65 -2.46
N TYR A 126 13.79 -3.71 -2.95
CA TYR A 126 13.56 -2.26 -2.75
C TYR A 126 14.12 -1.48 -3.96
N GLY A 127 13.79 -0.20 -4.01
CA GLY A 127 14.22 0.67 -5.08
C GLY A 127 13.00 1.33 -5.71
N GLN A 128 13.16 1.70 -6.98
CA GLN A 128 12.09 2.36 -7.69
C GLN A 128 11.91 1.72 -9.05
N VAL A 129 10.73 1.91 -9.63
CA VAL A 129 10.42 1.36 -10.96
C VAL A 129 9.96 2.45 -11.93
N LYS A 130 10.46 2.46 -13.17
CA LYS A 130 10.06 3.45 -14.16
C LYS A 130 8.85 2.91 -14.94
N LEU A 131 7.80 3.70 -14.97
CA LEU A 131 6.59 3.34 -15.74
C LEU A 131 6.55 4.22 -16.98
N GLN A 132 6.51 3.57 -18.14
CA GLN A 132 6.36 4.25 -19.44
C GLN A 132 5.08 3.80 -20.12
N GLN A 133 4.18 4.73 -20.37
CA GLN A 133 3.00 4.37 -21.15
C GLN A 133 3.22 4.47 -22.67
N LEU A 134 2.85 3.39 -23.36
CA LEU A 134 3.18 3.22 -24.75
C LEU A 134 1.94 3.46 -25.59
N VAL A 135 0.82 2.86 -25.20
CA VAL A 135 -0.48 3.11 -25.80
C VAL A 135 -1.47 3.23 -24.67
N TYR A 136 -2.09 4.39 -24.57
CA TYR A 136 -3.11 4.61 -23.56
C TYR A 136 -4.44 3.97 -23.99
N PRO A 137 -5.02 3.11 -23.13
CA PRO A 137 -4.60 2.61 -21.81
C PRO A 137 -4.08 1.14 -21.82
N THR A 138 -3.72 0.60 -22.97
CA THR A 138 -3.59 -0.85 -23.06
C THR A 138 -2.16 -1.41 -23.06
N LYS A 139 -1.13 -0.55 -23.13
CA LYS A 139 0.27 -1.03 -23.23
C LYS A 139 1.24 -0.18 -22.41
N LEU A 140 1.91 -0.81 -21.48
CA LEU A 140 2.83 -0.11 -20.61
C LEU A 140 4.10 -0.91 -20.43
N PHE A 141 5.18 -0.20 -20.19
CA PHE A 141 6.49 -0.85 -20.08
C PHE A 141 7.15 -0.35 -18.81
N TYR A 142 7.64 -1.31 -18.03
CA TYR A 142 8.27 -1.00 -16.78
C TYR A 142 9.72 -1.49 -16.71
N THR A 143 10.53 -0.69 -16.03
CA THR A 143 11.92 -1.04 -15.67
C THR A 143 12.08 -0.89 -14.15
N PHE A 144 12.15 -2.03 -13.48
CA PHE A 144 12.40 -2.12 -12.06
C PHE A 144 13.92 -2.05 -11.83
N TYR A 145 14.33 -1.12 -10.97
CA TYR A 145 15.75 -1.01 -10.63
C TYR A 145 15.93 -1.72 -9.28
N LEU A 146 16.01 -3.05 -9.33
CA LEU A 146 15.83 -3.88 -8.12
C LEU A 146 17.07 -3.97 -7.30
N LYS A 147 16.93 -3.63 -6.02
CA LYS A 147 18.03 -3.82 -5.04
C LYS A 147 17.51 -4.80 -3.99
N GLY A 148 18.42 -5.41 -3.23
CA GLY A 148 17.96 -6.23 -2.10
C GLY A 148 17.76 -7.71 -2.40
N LEU A 149 17.87 -8.14 -3.64
CA LEU A 149 17.49 -9.54 -3.94
C LEU A 149 18.59 -10.48 -3.45
N ALA A 150 18.22 -11.68 -3.00
CA ALA A 150 19.15 -12.68 -2.49
C ALA A 150 20.02 -13.22 -3.63
N ASN A 151 19.49 -13.25 -4.84
CA ASN A 151 20.16 -13.92 -5.94
C ASN A 151 20.04 -13.15 -7.25
N ASP A 152 20.84 -13.55 -8.24
CA ASP A 152 20.72 -13.09 -9.62
C ASP A 152 19.37 -13.53 -10.11
N LEU A 153 18.68 -12.66 -10.86
CA LEU A 153 17.40 -13.00 -11.46
C LEU A 153 17.57 -14.17 -12.42
N PRO A 154 16.57 -15.05 -12.49
CA PRO A 154 16.58 -16.15 -13.47
C PRO A 154 16.66 -15.64 -14.90
N LEU A 155 17.38 -16.40 -15.73
CA LEU A 155 17.65 -16.01 -17.10
C LEU A 155 16.37 -15.88 -17.87
N GLU A 156 15.36 -16.70 -17.57
CA GLU A 156 14.14 -16.56 -18.38
C GLU A 156 13.41 -15.20 -18.19
N LEU A 157 13.76 -14.44 -17.14
CA LEU A 157 13.15 -13.11 -16.93
C LEU A 157 14.01 -11.94 -17.41
N THR A 158 15.28 -12.23 -17.77
CA THR A 158 16.21 -11.13 -18.07
C THR A 158 16.74 -11.10 -19.52
N GLY A 159 16.00 -11.69 -20.46
CA GLY A 159 16.34 -11.55 -21.86
C GLY A 159 16.36 -10.10 -22.27
N THR A 160 17.18 -9.77 -23.24
CA THR A 160 17.28 -8.39 -23.71
C THR A 160 15.88 -7.84 -24.05
N PRO A 161 15.46 -6.77 -23.34
CA PRO A 161 14.12 -6.22 -23.66
C PRO A 161 13.96 -5.79 -25.13
N VAL A 162 12.77 -6.02 -25.69
CA VAL A 162 12.32 -5.32 -26.91
C VAL A 162 12.24 -3.81 -26.56
N PRO A 163 12.87 -2.94 -27.39
CA PRO A 163 12.75 -1.49 -27.10
C PRO A 163 11.31 -1.03 -27.13
N PRO A 164 10.89 -0.26 -26.12
CA PRO A 164 9.47 0.14 -26.06
C PRO A 164 9.02 1.01 -27.24
N SER A 165 7.91 0.62 -27.86
CA SER A 165 7.22 1.48 -28.82
C SER A 165 5.73 1.13 -28.86
N LYS A 166 4.99 1.98 -29.56
CA LYS A 166 3.56 1.87 -29.74
C LYS A 166 3.21 0.51 -30.39
N ASP A 167 4.19 -0.04 -31.11
CA ASP A 167 3.94 -1.18 -32.00
C ASP A 167 4.21 -2.57 -31.44
N ILE A 168 4.79 -2.63 -30.25
CA ILE A 168 5.11 -3.93 -29.65
C ILE A 168 3.88 -4.82 -29.46
N GLU A 169 4.09 -6.13 -29.60
CA GLU A 169 3.09 -7.13 -29.26
C GLU A 169 3.85 -8.25 -28.58
N PRO A 170 3.20 -8.90 -27.61
CA PRO A 170 3.73 -10.15 -27.06
C PRO A 170 3.85 -11.21 -28.20
N ALA A 171 4.86 -12.06 -28.12
CA ALA A 171 5.01 -13.17 -29.05
C ALA A 171 3.70 -13.93 -29.18
N PRO A 172 3.33 -14.30 -30.44
CA PRO A 172 2.11 -15.06 -30.68
C PRO A 172 2.02 -16.33 -29.81
N GLU A 173 3.13 -17.03 -29.58
CA GLU A 173 3.11 -18.17 -28.65
C GLU A 173 2.77 -17.89 -27.18
N ALA A 174 3.17 -16.69 -26.69
CA ALA A 174 2.77 -16.16 -25.37
C ALA A 174 1.28 -15.83 -25.33
N LYS A 175 0.80 -15.12 -26.37
CA LYS A 175 -0.63 -14.78 -26.44
C LYS A 175 -1.48 -16.06 -26.44
N ALA A 176 -0.95 -17.11 -27.07
CA ALA A 176 -1.71 -18.34 -27.23
C ALA A 176 -1.48 -19.31 -26.06
N LEU A 177 -0.65 -18.90 -25.09
CA LEU A 177 -0.42 -19.69 -23.85
C LEU A 177 0.17 -21.07 -24.14
N GLU A 178 0.94 -21.15 -25.22
CA GLU A 178 1.66 -22.39 -25.55
C GLU A 178 2.79 -22.56 -24.56
N PRO A 179 3.20 -23.81 -24.31
CA PRO A 179 4.27 -24.04 -23.32
C PRO A 179 5.56 -23.22 -23.52
N SER A 180 5.99 -23.05 -24.76
CA SER A 180 7.21 -22.29 -25.06
C SER A 180 7.04 -20.79 -24.85
N GLY A 181 5.78 -20.33 -24.81
CA GLY A 181 5.48 -18.90 -24.57
C GLY A 181 4.97 -18.55 -23.18
N VAL A 182 5.06 -19.48 -22.22
CA VAL A 182 4.67 -19.18 -20.82
C VAL A 182 5.74 -19.64 -19.82
N ILE A 183 5.84 -18.97 -18.67
CA ILE A 183 6.62 -19.54 -17.57
C ILE A 183 5.74 -20.55 -16.85
N SER A 184 6.37 -21.47 -16.11
CA SER A 184 5.59 -22.49 -15.40
C SER A 184 4.67 -21.83 -14.40
N ASN A 185 3.39 -22.21 -14.46
CA ASN A 185 2.34 -21.75 -13.56
C ASN A 185 2.22 -20.22 -13.57
N TYR A 186 2.38 -19.63 -14.75
CA TYR A 186 2.20 -18.17 -14.98
C TYR A 186 0.90 -17.76 -14.28
N THR A 187 0.91 -16.57 -13.66
CA THR A 187 -0.27 -16.13 -12.88
C THR A 187 -1.41 -15.72 -13.82
N ASN A 188 -2.63 -16.13 -13.48
CA ASN A 188 -3.79 -15.71 -14.27
C ASN A 188 -4.95 -15.45 -13.34
N LYS B 15 19.70 -12.65 11.43
CA LYS B 15 19.03 -11.82 10.39
C LYS B 15 17.50 -12.12 10.29
N VAL B 16 17.09 -13.39 10.12
CA VAL B 16 15.65 -13.69 9.96
C VAL B 16 15.00 -14.10 11.27
N GLN B 17 13.95 -13.39 11.67
CA GLN B 17 13.20 -13.76 12.88
C GLN B 17 11.81 -14.18 12.46
N GLU B 18 11.39 -15.37 12.89
CA GLU B 18 10.09 -15.86 12.53
C GLU B 18 9.07 -15.51 13.64
N LEU B 19 7.87 -15.08 13.22
CA LEU B 19 6.78 -14.64 14.11
C LEU B 19 5.45 -15.12 13.53
N SER B 20 4.70 -15.93 14.31
CA SER B 20 3.38 -16.37 13.91
C SER B 20 2.28 -15.75 14.76
N VAL B 21 1.12 -15.50 14.13
CA VAL B 21 -0.02 -14.92 14.81
C VAL B 21 -1.27 -15.54 14.24
N TYR B 22 -2.33 -15.58 15.04
CA TYR B 22 -3.66 -15.99 14.56
C TYR B 22 -4.56 -14.75 14.39
N GLU B 23 -5.25 -14.72 13.25
CA GLU B 23 -6.25 -13.67 12.96
C GLU B 23 -7.61 -14.33 13.10
N ILE B 24 -8.49 -13.75 13.90
CA ILE B 24 -9.79 -14.37 14.14
C ILE B 24 -10.88 -13.32 14.03
N ASN B 25 -11.87 -13.61 13.19
CA ASN B 25 -13.05 -12.77 13.11
C ASN B 25 -14.06 -13.26 14.16
N GLU B 26 -14.21 -12.51 15.25
CA GLU B 26 -15.17 -12.89 16.33
C GLU B 26 -16.53 -12.22 16.14
N LEU B 27 -16.77 -11.69 14.93
CA LEU B 27 -18.08 -11.22 14.49
C LEU B 27 -18.61 -10.01 15.27
N ASP B 28 -17.70 -9.28 15.90
CA ASP B 28 -18.07 -8.12 16.72
C ASP B 28 -17.43 -6.81 16.27
N ARG B 29 -16.95 -6.78 15.02
CA ARG B 29 -16.26 -5.60 14.51
C ARG B 29 -16.83 -5.14 13.19
N HIS B 30 -18.06 -5.57 12.86
CA HIS B 30 -18.76 -5.16 11.64
C HIS B 30 -18.07 -5.60 10.34
N SER B 31 -17.18 -6.60 10.46
CA SER B 31 -16.28 -7.08 9.43
C SER B 31 -16.60 -8.52 8.97
N PRO B 32 -16.44 -8.82 7.66
CA PRO B 32 -16.02 -7.81 6.67
C PRO B 32 -17.19 -7.00 6.16
N LYS B 33 -16.87 -5.89 5.50
CA LYS B 33 -17.87 -5.04 4.87
C LYS B 33 -17.73 -5.19 3.34
N ILE B 34 -18.71 -5.81 2.71
CA ILE B 34 -18.65 -6.01 1.28
C ILE B 34 -19.27 -4.84 0.49
N LEU B 35 -18.41 -4.17 -0.29
CA LEU B 35 -18.84 -3.12 -1.14
C LEU B 35 -19.02 -3.74 -2.50
N LYS B 36 -20.29 -3.98 -2.86
CA LYS B 36 -20.60 -4.73 -4.09
C LYS B 36 -20.71 -3.79 -5.30
N ASN B 37 -19.82 -3.94 -6.30
CA ASN B 37 -19.91 -3.18 -7.56
C ASN B 37 -19.88 -4.02 -8.86
N ALA B 38 -19.42 -5.27 -8.77
CA ALA B 38 -19.38 -6.14 -9.96
C ALA B 38 -20.82 -6.57 -10.35
N PHE B 39 -21.04 -6.73 -11.65
CA PHE B 39 -22.37 -7.03 -12.18
C PHE B 39 -22.84 -8.41 -11.67
N SER B 40 -21.90 -9.27 -11.26
CA SER B 40 -22.17 -10.67 -10.93
C SER B 40 -22.62 -10.88 -9.50
N LEU B 41 -23.37 -11.95 -9.26
CA LEU B 41 -23.74 -12.34 -7.91
C LEU B 41 -22.48 -12.83 -7.17
N MSE B 42 -21.55 -13.42 -7.92
CA MSE B 42 -20.30 -13.77 -7.31
CA MSE B 42 -20.25 -13.83 -7.41
C MSE B 42 -19.36 -12.60 -7.26
O MSE B 42 -19.56 -11.57 -7.91
CB MSE B 42 -19.65 -14.90 -8.07
CB MSE B 42 -19.58 -14.81 -8.40
CG MSE B 42 -20.21 -16.21 -7.66
CG MSE B 42 -20.40 -16.06 -8.78
SE MSE B 42 -19.64 -17.53 -8.90
SE MSE B 42 -20.87 -17.20 -7.25
CE MSE B 42 -20.47 -16.82 -10.49
CE MSE B 42 -19.19 -18.04 -6.74
N PHE B 43 -18.34 -12.72 -6.41
CA PHE B 43 -17.31 -11.66 -6.33
C PHE B 43 -16.73 -11.44 -7.69
N GLY B 44 -16.48 -10.17 -8.04
CA GLY B 44 -15.71 -9.83 -9.24
C GLY B 44 -15.05 -8.47 -9.12
N LEU B 45 -14.28 -8.12 -10.13
CA LEU B 45 -13.52 -6.86 -10.14
C LEU B 45 -14.48 -5.71 -9.97
N GLY B 46 -14.19 -4.80 -9.05
CA GLY B 46 -15.13 -3.74 -8.69
C GLY B 46 -15.51 -3.89 -7.25
N ASP B 47 -15.52 -5.14 -6.77
CA ASP B 47 -15.91 -5.39 -5.40
C ASP B 47 -14.75 -5.06 -4.46
N LEU B 48 -15.06 -4.33 -3.38
CA LEU B 48 -14.05 -3.90 -2.36
C LEU B 48 -14.52 -4.38 -1.01
N VAL B 49 -13.57 -4.85 -0.20
CA VAL B 49 -13.91 -5.42 1.10
C VAL B 49 -12.96 -4.81 2.17
N PRO B 50 -13.36 -3.68 2.79
CA PRO B 50 -12.69 -3.24 4.02
C PRO B 50 -12.89 -4.27 5.11
N PHE B 51 -11.89 -4.47 5.95
CA PHE B 51 -12.03 -5.44 7.03
C PHE B 51 -11.15 -5.12 8.24
N THR B 52 -11.48 -5.79 9.35
CA THR B 52 -10.64 -5.69 10.55
C THR B 52 -11.00 -6.87 11.46
N ASN B 53 -10.02 -7.70 11.74
CA ASN B 53 -10.18 -8.85 12.64
C ASN B 53 -9.32 -8.70 13.90
N LYS B 54 -9.52 -9.61 14.87
CA LYS B 54 -8.68 -9.65 16.07
C LYS B 54 -7.40 -10.40 15.81
N LEU B 55 -6.33 -10.01 16.52
CA LEU B 55 -5.03 -10.63 16.34
C LEU B 55 -4.56 -11.18 17.70
N TYR B 56 -4.26 -12.47 17.71
CA TYR B 56 -3.66 -13.13 18.88
C TYR B 56 -2.27 -13.70 18.62
N THR B 57 -1.47 -13.92 19.67
CA THR B 57 -0.16 -14.59 19.54
C THR B 57 -0.30 -16.02 18.95
N GLY B 58 0.79 -16.55 18.41
CA GLY B 58 0.75 -17.85 17.71
C GLY B 58 0.46 -18.95 18.73
N ASP B 59 0.84 -18.70 19.98
CA ASP B 59 0.56 -19.63 21.08
C ASP B 59 -0.86 -19.46 21.64
N LEU B 60 -1.62 -18.47 21.09
CA LEU B 60 -3.04 -18.20 21.42
C LEU B 60 -3.33 -17.73 22.89
N LYS B 61 -2.26 -17.48 23.66
CA LYS B 61 -2.33 -17.08 25.08
C LYS B 61 -2.73 -15.61 25.23
N LYS B 62 -2.40 -14.77 24.25
CA LYS B 62 -2.59 -13.33 24.39
C LYS B 62 -3.20 -12.67 23.17
N ARG B 63 -4.15 -11.80 23.46
CA ARG B 63 -4.62 -10.86 22.45
C ARG B 63 -3.50 -9.82 22.24
N VAL B 64 -3.10 -9.59 20.98
CA VAL B 64 -2.12 -8.54 20.69
C VAL B 64 -2.75 -7.30 20.09
N GLY B 65 -3.81 -7.47 19.32
CA GLY B 65 -4.31 -6.27 18.58
C GLY B 65 -5.28 -6.65 17.48
N ILE B 66 -5.06 -6.09 16.29
CA ILE B 66 -6.07 -6.29 15.22
C ILE B 66 -5.40 -6.33 13.86
N THR B 67 -6.14 -6.73 12.86
CA THR B 67 -5.69 -6.48 11.48
C THR B 67 -6.60 -5.38 10.97
N ALA B 68 -6.19 -4.66 9.91
CA ALA B 68 -6.98 -3.53 9.42
C ALA B 68 -6.53 -3.17 8.02
N GLY B 69 -7.49 -3.11 7.10
CA GLY B 69 -7.15 -2.71 5.73
C GLY B 69 -8.28 -3.03 4.72
N LEU B 70 -7.85 -3.30 3.49
CA LEU B 70 -8.71 -3.41 2.31
C LEU B 70 -8.30 -4.62 1.47
N CYS B 71 -9.30 -5.44 1.09
CA CYS B 71 -9.15 -6.47 0.08
C CYS B 71 -9.83 -5.97 -1.18
N VAL B 72 -9.04 -5.98 -2.27
CA VAL B 72 -9.58 -5.58 -3.59
C VAL B 72 -9.88 -6.87 -4.36
N VAL B 73 -11.15 -7.10 -4.78
CA VAL B 73 -11.42 -8.36 -5.55
C VAL B 73 -10.75 -8.24 -6.95
N ILE B 74 -9.95 -9.24 -7.31
CA ILE B 74 -9.31 -9.23 -8.62
C ILE B 74 -10.06 -10.12 -9.62
N GLU B 75 -10.48 -11.31 -9.19
CA GLU B 75 -11.22 -12.20 -10.12
C GLU B 75 -11.78 -13.32 -9.26
N HIS B 76 -12.89 -13.88 -9.73
CA HIS B 76 -13.38 -15.14 -9.19
C HIS B 76 -12.63 -16.27 -9.92
N VAL B 77 -12.40 -17.38 -9.23
CA VAL B 77 -11.63 -18.47 -9.82
C VAL B 77 -12.54 -19.70 -9.70
N PRO B 78 -13.46 -19.86 -10.70
CA PRO B 78 -14.45 -20.94 -10.71
C PRO B 78 -13.82 -22.31 -10.50
N GLU B 79 -12.70 -22.56 -11.20
CA GLU B 79 -12.04 -23.89 -11.17
C GLU B 79 -11.46 -24.26 -9.80
N LYS B 80 -11.43 -23.29 -8.88
CA LYS B 80 -10.91 -23.53 -7.53
C LYS B 80 -11.95 -23.21 -6.49
N LYS B 81 -13.16 -22.87 -6.96
CA LYS B 81 -14.27 -22.43 -6.12
C LYS B 81 -13.78 -21.42 -5.08
N GLY B 82 -13.17 -20.32 -5.55
CA GLY B 82 -12.71 -19.31 -4.63
C GLY B 82 -12.47 -17.99 -5.35
N GLU B 83 -11.79 -17.08 -4.65
CA GLU B 83 -11.54 -15.70 -5.12
C GLU B 83 -10.06 -15.40 -5.07
N ARG B 84 -9.59 -14.53 -5.97
CA ARG B 84 -8.33 -13.87 -5.75
C ARG B 84 -8.57 -12.40 -5.28
N PHE B 85 -8.00 -12.03 -4.13
CA PHE B 85 -7.94 -10.63 -3.68
C PHE B 85 -6.48 -10.13 -3.79
N GLU B 86 -6.38 -8.80 -3.92
CA GLU B 86 -5.15 -8.05 -3.71
C GLU B 86 -5.35 -7.27 -2.38
N ALA B 87 -4.47 -7.50 -1.41
CA ALA B 87 -4.71 -7.02 -0.05
C ALA B 87 -3.67 -6.00 0.39
N THR B 88 -4.16 -4.91 0.98
CA THR B 88 -3.34 -3.85 1.56
C THR B 88 -3.76 -3.68 3.00
N TYR B 89 -2.89 -4.07 3.94
CA TYR B 89 -3.34 -4.01 5.32
C TYR B 89 -2.21 -4.08 6.30
N SER B 90 -2.53 -3.78 7.56
CA SER B 90 -1.56 -3.77 8.69
C SER B 90 -2.02 -4.72 9.81
N PHE B 91 -1.03 -5.23 10.57
CA PHE B 91 -1.17 -6.04 11.77
C PHE B 91 -0.70 -5.17 12.94
N TYR B 92 -1.59 -4.91 13.90
CA TYR B 92 -1.30 -4.04 15.06
C TYR B 92 -0.96 -4.86 16.30
N PHE B 93 0.16 -4.52 16.96
CA PHE B 93 0.67 -5.26 18.14
C PHE B 93 0.69 -4.35 19.37
N GLY B 94 -0.39 -3.62 19.61
CA GLY B 94 -0.44 -2.78 20.80
C GLY B 94 0.69 -1.76 20.82
N ASP B 95 1.35 -1.62 21.98
CA ASP B 95 2.43 -0.66 22.07
C ASP B 95 3.70 -1.08 21.33
N TYR B 96 3.82 -2.36 20.95
CA TYR B 96 4.96 -2.76 20.14
C TYR B 96 5.06 -2.07 18.76
N GLY B 97 3.95 -1.59 18.20
CA GLY B 97 3.94 -1.09 16.83
C GLY B 97 3.12 -1.93 15.85
N HIS B 98 3.46 -1.82 14.56
CA HIS B 98 2.72 -2.56 13.58
C HIS B 98 3.60 -3.06 12.41
N LEU B 99 3.02 -3.93 11.59
CA LEU B 99 3.66 -4.44 10.34
C LEU B 99 2.65 -4.17 9.23
N SER B 100 3.14 -3.70 8.08
CA SER B 100 2.30 -3.46 6.93
C SER B 100 2.68 -4.42 5.80
N VAL B 101 1.66 -4.81 4.99
CA VAL B 101 1.83 -5.81 3.94
C VAL B 101 1.06 -5.45 2.69
N GLN B 102 1.51 -6.03 1.58
CA GLN B 102 0.83 -5.89 0.27
C GLN B 102 0.96 -7.25 -0.41
N GLY B 103 -0.12 -7.78 -0.97
CA GLY B 103 0.05 -9.00 -1.76
C GLY B 103 -1.25 -9.76 -1.96
N PRO B 104 -1.14 -11.04 -2.39
CA PRO B 104 -2.30 -11.82 -2.77
C PRO B 104 -2.94 -12.52 -1.57
N TYR B 105 -4.27 -12.45 -1.49
CA TYR B 105 -5.05 -13.38 -0.64
C TYR B 105 -5.91 -14.22 -1.56
N LEU B 106 -5.63 -15.54 -1.60
CA LEU B 106 -6.40 -16.49 -2.41
C LEU B 106 -7.25 -17.31 -1.42
N THR B 107 -8.58 -17.32 -1.61
CA THR B 107 -9.42 -18.03 -0.63
C THR B 107 -9.24 -19.54 -0.67
N TYR B 108 -8.59 -20.07 -1.71
CA TYR B 108 -8.51 -21.51 -1.95
C TYR B 108 -7.11 -22.12 -1.71
N GLU B 109 -6.12 -21.29 -1.39
CA GLU B 109 -4.76 -21.80 -1.18
C GLU B 109 -3.84 -20.81 -0.44
N ASP B 110 -2.79 -21.31 0.19
CA ASP B 110 -1.85 -20.46 0.91
C ASP B 110 -1.13 -19.51 -0.04
N SER B 111 -0.70 -18.36 0.48
CA SER B 111 0.01 -17.38 -0.32
C SER B 111 1.07 -16.71 0.53
N PHE B 112 1.99 -15.98 -0.13
CA PHE B 112 2.89 -15.06 0.55
C PHE B 112 2.61 -13.61 0.20
N LEU B 113 2.59 -12.75 1.22
CA LEU B 113 2.56 -11.32 0.96
C LEU B 113 3.90 -10.65 1.30
N ALA B 114 4.08 -9.46 0.68
CA ALA B 114 5.29 -8.66 0.93
C ALA B 114 5.19 -7.87 2.21
N ILE B 115 6.25 -7.80 2.99
CA ILE B 115 6.24 -6.93 4.14
C ILE B 115 6.76 -5.56 3.67
N THR B 116 5.88 -4.56 3.69
CA THR B 116 6.22 -3.25 3.07
C THR B 116 6.95 -2.33 4.05
N GLY B 117 6.87 -2.62 5.36
CA GLY B 117 7.55 -1.90 6.44
C GLY B 117 6.82 -2.04 7.78
N GLY B 118 7.34 -1.37 8.82
CA GLY B 118 6.74 -1.46 10.15
C GLY B 118 6.97 -0.16 10.91
N ALA B 119 6.58 -0.14 12.18
CA ALA B 119 6.88 0.95 13.09
C ALA B 119 7.00 0.36 14.51
N GLY B 120 7.53 1.17 15.45
CA GLY B 120 7.86 0.70 16.79
C GLY B 120 8.99 -0.34 16.76
N ILE B 121 8.81 -1.46 17.44
CA ILE B 121 9.77 -2.56 17.35
C ILE B 121 9.95 -3.07 15.93
N PHE B 122 8.94 -2.85 15.08
CA PHE B 122 9.02 -3.31 13.70
C PHE B 122 9.54 -2.24 12.75
N GLU B 123 10.05 -1.13 13.26
CA GLU B 123 10.68 -0.13 12.40
C GLU B 123 11.80 -0.82 11.58
N GLY B 124 11.87 -0.51 10.29
CA GLY B 124 12.82 -1.14 9.38
C GLY B 124 12.49 -2.56 8.95
N ALA B 125 11.35 -3.08 9.36
CA ALA B 125 10.99 -4.47 8.98
C ALA B 125 10.88 -4.67 7.45
N TYR B 126 11.40 -5.78 6.95
CA TYR B 126 11.16 -6.21 5.56
C TYR B 126 11.08 -7.74 5.46
N GLY B 127 10.78 -8.27 4.29
CA GLY B 127 10.69 -9.69 4.20
C GLY B 127 9.36 -10.08 3.63
N GLN B 128 8.93 -11.27 3.96
CA GLN B 128 7.61 -11.73 3.46
C GLN B 128 6.83 -12.47 4.55
N VAL B 129 5.52 -12.63 4.34
CA VAL B 129 4.68 -13.36 5.31
C VAL B 129 3.82 -14.38 4.58
N LYS B 130 3.78 -15.59 5.16
CA LYS B 130 2.86 -16.65 4.68
C LYS B 130 1.48 -16.43 5.28
N LEU B 131 0.45 -16.48 4.46
CA LEU B 131 -0.93 -16.45 4.93
C LEU B 131 -1.58 -17.85 4.72
N GLN B 132 -2.06 -18.45 5.83
CA GLN B 132 -2.75 -19.77 5.74
C GLN B 132 -4.15 -19.68 6.26
N GLN B 133 -5.13 -19.93 5.38
CA GLN B 133 -6.52 -19.87 5.78
C GLN B 133 -6.94 -21.20 6.43
N LEU B 134 -7.59 -21.09 7.58
CA LEU B 134 -7.98 -22.29 8.35
C LEU B 134 -9.52 -22.48 8.28
N VAL B 135 -10.26 -21.38 8.34
CA VAL B 135 -11.72 -21.41 8.15
C VAL B 135 -12.02 -20.18 7.33
N TYR B 136 -12.70 -20.36 6.20
CA TYR B 136 -13.05 -19.20 5.32
C TYR B 136 -14.28 -18.48 5.85
N PRO B 137 -14.17 -17.17 6.15
CA PRO B 137 -12.97 -16.33 6.22
C PRO B 137 -12.64 -15.92 7.68
N THR B 138 -13.01 -16.74 8.67
CA THR B 138 -12.94 -16.34 10.09
C THR B 138 -11.66 -16.67 10.83
N LYS B 139 -10.87 -17.62 10.31
CA LYS B 139 -9.62 -18.03 11.02
C LYS B 139 -8.45 -18.15 10.07
N LEU B 140 -7.37 -17.39 10.35
CA LEU B 140 -6.16 -17.46 9.52
C LEU B 140 -4.92 -17.53 10.40
N PHE B 141 -3.86 -18.15 9.86
CA PHE B 141 -2.62 -18.30 10.58
C PHE B 141 -1.49 -17.75 9.71
N TYR B 142 -0.72 -16.81 10.27
CA TYR B 142 0.40 -16.13 9.57
C TYR B 142 1.78 -16.52 10.10
N THR B 143 2.76 -16.57 9.23
CA THR B 143 4.16 -16.74 9.65
C THR B 143 5.00 -15.69 8.90
N PHE B 144 5.42 -14.64 9.63
CA PHE B 144 6.29 -13.57 9.16
C PHE B 144 7.72 -14.02 9.18
N TYR B 145 8.44 -13.75 8.09
CA TYR B 145 9.89 -13.99 8.03
C TYR B 145 10.52 -12.61 8.07
N LEU B 146 10.86 -12.18 9.29
CA LEU B 146 11.20 -10.75 9.53
C LEU B 146 12.69 -10.42 9.49
N LYS B 147 13.07 -9.48 8.61
CA LYS B 147 14.47 -9.00 8.57
C LYS B 147 14.48 -7.51 8.95
N GLY B 148 15.61 -6.97 9.40
CA GLY B 148 15.72 -5.54 9.61
C GLY B 148 15.36 -4.99 10.97
N LEU B 149 14.88 -5.87 11.86
CA LEU B 149 14.50 -5.46 13.21
C LEU B 149 15.72 -5.03 14.03
N ALA B 150 15.54 -4.01 14.86
CA ALA B 150 16.66 -3.50 15.71
C ALA B 150 17.04 -4.53 16.81
N ASN B 151 16.05 -5.27 17.29
CA ASN B 151 16.25 -6.17 18.43
C ASN B 151 15.60 -7.52 18.25
N ASP B 152 15.97 -8.48 19.11
CA ASP B 152 15.21 -9.73 19.16
C ASP B 152 13.78 -9.42 19.51
N LEU B 153 12.87 -10.18 18.91
CA LEU B 153 11.46 -10.09 19.29
C LEU B 153 11.21 -10.36 20.80
N PRO B 154 10.25 -9.66 21.41
CA PRO B 154 9.97 -9.89 22.83
C PRO B 154 9.42 -11.32 23.05
N LEU B 155 9.87 -11.96 24.12
CA LEU B 155 9.46 -13.35 24.41
C LEU B 155 7.98 -13.61 24.39
N GLU B 156 7.15 -12.67 24.86
CA GLU B 156 5.72 -12.94 24.91
C GLU B 156 5.03 -13.11 23.53
N LEU B 157 5.74 -12.73 22.47
CA LEU B 157 5.26 -12.90 21.07
C LEU B 157 5.83 -14.15 20.37
N THR B 158 6.80 -14.83 21.00
CA THR B 158 7.45 -15.93 20.31
C THR B 158 7.25 -17.32 20.92
N GLY B 159 6.23 -17.50 21.77
CA GLY B 159 5.83 -18.85 22.26
C GLY B 159 5.57 -19.83 21.09
N THR B 160 5.87 -21.11 21.32
CA THR B 160 5.53 -22.16 20.35
C THR B 160 4.09 -22.04 19.85
N PRO B 161 3.88 -22.00 18.53
CA PRO B 161 2.51 -21.92 18.07
C PRO B 161 1.66 -23.14 18.44
N VAL B 162 0.36 -22.92 18.69
CA VAL B 162 -0.67 -23.96 18.69
C VAL B 162 -0.71 -24.54 17.26
N PRO B 163 -0.81 -25.88 17.10
CA PRO B 163 -1.00 -26.47 15.76
C PRO B 163 -2.15 -25.88 14.96
N PRO B 164 -1.86 -25.28 13.79
CA PRO B 164 -2.95 -24.69 13.01
C PRO B 164 -4.01 -25.68 12.56
N SER B 165 -5.28 -25.38 12.88
CA SER B 165 -6.38 -26.18 12.39
C SER B 165 -7.63 -25.31 12.43
N LYS B 166 -8.68 -25.84 11.82
CA LYS B 166 -10.00 -25.15 11.90
C LYS B 166 -10.62 -25.02 13.34
N ASP B 167 -10.10 -25.80 14.27
CA ASP B 167 -10.60 -25.84 15.65
C ASP B 167 -9.91 -24.89 16.62
N ILE B 168 -8.91 -24.13 16.17
CA ILE B 168 -8.12 -23.33 17.14
C ILE B 168 -8.98 -22.29 17.87
N GLU B 169 -8.66 -22.00 19.13
CA GLU B 169 -9.38 -20.94 19.89
C GLU B 169 -8.40 -20.20 20.74
N PRO B 170 -8.65 -18.90 20.94
CA PRO B 170 -7.80 -18.14 21.87
C PRO B 170 -7.96 -18.69 23.32
N ALA B 171 -6.90 -18.68 24.12
CA ALA B 171 -7.02 -18.95 25.56
C ALA B 171 -8.24 -18.18 26.10
N PRO B 172 -8.99 -18.78 27.03
CA PRO B 172 -10.12 -18.05 27.59
C PRO B 172 -9.78 -16.69 28.23
N GLU B 173 -8.61 -16.55 28.88
CA GLU B 173 -8.16 -15.28 29.49
C GLU B 173 -7.98 -14.22 28.39
N ALA B 174 -7.51 -14.68 27.21
CA ALA B 174 -7.24 -13.80 26.06
C ALA B 174 -8.54 -13.28 25.43
N LYS B 175 -9.46 -14.22 25.23
CA LYS B 175 -10.78 -13.88 24.67
C LYS B 175 -11.57 -12.88 25.56
N ALA B 176 -11.44 -13.06 26.88
CA ALA B 176 -12.18 -12.28 27.89
C ALA B 176 -11.46 -10.99 28.28
N LEU B 177 -10.31 -10.73 27.63
CA LEU B 177 -9.53 -9.52 27.88
C LEU B 177 -9.02 -9.36 29.32
N GLU B 178 -8.70 -10.48 29.99
CA GLU B 178 -8.16 -10.44 31.33
C GLU B 178 -6.73 -9.98 31.23
N PRO B 179 -6.20 -9.28 32.28
CA PRO B 179 -4.83 -8.80 32.26
C PRO B 179 -3.79 -9.86 31.83
N SER B 180 -3.93 -11.10 32.32
CA SER B 180 -2.96 -12.13 31.97
C SER B 180 -3.06 -12.64 30.51
N GLY B 181 -4.17 -12.31 29.83
CA GLY B 181 -4.38 -12.73 28.43
C GLY B 181 -4.33 -11.64 27.37
N VAL B 182 -3.72 -10.51 27.69
CA VAL B 182 -3.54 -9.41 26.75
C VAL B 182 -2.12 -8.92 26.85
N ILE B 183 -1.59 -8.35 25.77
CA ILE B 183 -0.40 -7.49 25.87
C ILE B 183 -0.76 -6.06 26.39
N SER B 184 0.24 -5.35 26.92
CA SER B 184 0.11 -3.94 27.27
C SER B 184 -0.52 -3.09 26.12
N ASN B 185 -1.66 -2.45 26.43
CA ASN B 185 -2.34 -1.56 25.45
C ASN B 185 -2.61 -2.22 24.11
N TYR B 186 -3.07 -3.48 24.18
CA TYR B 186 -3.44 -4.27 22.98
C TYR B 186 -4.39 -3.45 22.12
N THR B 187 -4.18 -3.49 20.80
CA THR B 187 -4.99 -2.73 19.89
C THR B 187 -6.38 -3.23 19.76
N ASN B 188 -7.32 -2.28 19.77
CA ASN B 188 -8.73 -2.61 19.57
C ASN B 188 -9.40 -1.53 18.72
N LYS C 15 21.83 5.29 10.11
CA LYS C 15 22.12 6.69 9.65
C LYS C 15 20.78 7.33 9.31
N VAL C 16 20.27 8.18 10.21
CA VAL C 16 18.91 8.72 10.06
C VAL C 16 18.99 10.18 9.65
N GLN C 17 18.21 10.55 8.64
CA GLN C 17 17.99 11.96 8.32
C GLN C 17 16.56 12.32 8.66
N GLU C 18 16.34 13.27 9.57
CA GLU C 18 14.96 13.71 9.88
C GLU C 18 14.47 14.68 8.85
N LEU C 19 13.22 14.46 8.37
CA LEU C 19 12.62 15.35 7.41
C LEU C 19 11.20 15.62 7.90
N SER C 20 10.87 16.90 8.13
CA SER C 20 9.57 17.27 8.67
C SER C 20 8.84 18.06 7.60
N VAL C 21 7.51 17.90 7.52
CA VAL C 21 6.67 18.57 6.52
C VAL C 21 5.32 18.89 7.18
N TYR C 22 4.68 19.97 6.71
CA TYR C 22 3.32 20.34 7.12
C TYR C 22 2.37 19.97 5.99
N GLU C 23 1.32 19.20 6.32
CA GLU C 23 0.22 18.86 5.40
C GLU C 23 -0.98 19.72 5.76
N ILE C 24 -1.44 20.53 4.80
CA ILE C 24 -2.54 21.47 5.04
C ILE C 24 -3.65 21.29 4.01
N ASN C 25 -4.87 21.09 4.49
CA ASN C 25 -6.06 21.17 3.65
C ASN C 25 -6.55 22.65 3.50
N GLU C 26 -6.25 23.24 2.35
CA GLU C 26 -6.68 24.60 2.02
C GLU C 26 -8.04 24.66 1.31
N LEU C 27 -8.74 23.52 1.32
CA LEU C 27 -10.13 23.39 0.87
C LEU C 27 -10.38 23.62 -0.62
N ASP C 28 -9.33 23.58 -1.44
CA ASP C 28 -9.40 23.88 -2.87
C ASP C 28 -9.03 22.70 -3.79
N ARG C 29 -9.02 21.49 -3.19
CA ARG C 29 -8.63 20.27 -3.95
C ARG C 29 -9.73 19.25 -3.93
N HIS C 30 -10.96 19.71 -3.61
CA HIS C 30 -12.11 18.80 -3.56
C HIS C 30 -11.96 17.68 -2.51
N SER C 31 -11.11 17.93 -1.52
CA SER C 31 -10.67 16.90 -0.58
C SER C 31 -11.08 17.29 0.85
N PRO C 32 -11.46 16.29 1.70
CA PRO C 32 -11.59 14.87 1.39
C PRO C 32 -12.89 14.52 0.65
N LYS C 33 -12.87 13.38 -0.01
CA LYS C 33 -14.07 12.94 -0.70
C LYS C 33 -14.59 11.73 0.11
N ILE C 34 -15.78 11.82 0.72
CA ILE C 34 -16.25 10.71 1.59
C ILE C 34 -17.18 9.81 0.79
N LEU C 35 -16.82 8.55 0.70
CA LEU C 35 -17.61 7.51 0.06
C LEU C 35 -18.26 6.71 1.19
N LYS C 36 -19.53 6.99 1.41
CA LYS C 36 -20.27 6.52 2.57
C LYS C 36 -20.95 5.15 2.33
N ASN C 37 -20.55 4.15 3.11
CA ASN C 37 -21.16 2.79 3.04
C ASN C 37 -21.59 2.20 4.39
N ALA C 38 -21.00 2.67 5.49
CA ALA C 38 -21.34 2.13 6.79
C ALA C 38 -22.78 2.53 7.16
N PHE C 39 -23.49 1.60 7.79
CA PHE C 39 -24.86 1.89 8.24
C PHE C 39 -24.76 2.57 9.58
N SER C 40 -24.25 3.80 9.57
CA SER C 40 -24.00 4.57 10.78
C SER C 40 -23.99 6.03 10.39
N LEU C 41 -24.49 6.90 11.29
CA LEU C 41 -24.33 8.33 11.10
C LEU C 41 -22.87 8.69 11.30
N MSE C 42 -22.18 7.94 12.17
CA MSE C 42 -20.76 8.16 12.43
CA MSE C 42 -20.74 8.16 12.40
C MSE C 42 -19.94 7.44 11.34
O MSE C 42 -20.45 6.62 10.64
CB MSE C 42 -20.34 7.60 13.82
CB MSE C 42 -20.29 7.61 13.77
CG MSE C 42 -21.01 8.22 15.05
CG MSE C 42 -20.59 8.47 14.95
SE MSE C 42 -20.28 9.97 15.40
SE MSE C 42 -22.47 8.48 15.27
CE MSE C 42 -20.65 10.16 17.29
CE MSE C 42 -22.47 8.89 17.19
N PHE C 43 -18.67 7.80 11.18
CA PHE C 43 -17.76 6.98 10.33
C PHE C 43 -17.80 5.50 10.78
N GLY C 44 -17.72 4.54 9.84
CA GLY C 44 -17.65 3.11 10.22
C GLY C 44 -16.95 2.36 9.10
N LEU C 45 -16.69 1.08 9.35
CA LEU C 45 -16.12 0.20 8.39
C LEU C 45 -17.03 0.25 7.15
N GLY C 46 -16.41 0.44 6.00
CA GLY C 46 -17.15 0.53 4.75
C GLY C 46 -16.94 1.88 4.13
N ASP C 47 -16.72 2.91 4.98
CA ASP C 47 -16.53 4.28 4.48
C ASP C 47 -15.07 4.38 3.99
N LEU C 48 -14.90 4.95 2.80
CA LEU C 48 -13.60 5.06 2.12
C LEU C 48 -13.38 6.58 1.86
N VAL C 49 -12.15 7.05 2.10
CA VAL C 49 -11.89 8.49 2.02
C VAL C 49 -10.64 8.73 1.15
N PRO C 50 -10.81 8.85 -0.19
CA PRO C 50 -9.72 9.35 -1.03
C PRO C 50 -9.41 10.81 -0.63
N PHE C 51 -8.13 11.19 -0.63
CA PHE C 51 -7.81 12.56 -0.24
C PHE C 51 -6.54 13.05 -0.89
N THR C 52 -6.39 14.38 -0.92
CA THR C 52 -5.17 14.98 -1.35
C THR C 52 -5.07 16.39 -0.80
N ASN C 53 -4.01 16.61 -0.02
CA ASN C 53 -3.79 17.93 0.59
C ASN C 53 -2.50 18.55 0.14
N LYS C 54 -2.31 19.82 0.46
CA LYS C 54 -1.02 20.47 0.11
C LYS C 54 0.06 20.11 1.11
N LEU C 55 1.30 20.11 0.64
CA LEU C 55 2.44 19.82 1.50
C LEU C 55 3.46 20.96 1.43
N TYR C 56 3.90 21.39 2.61
CA TYR C 56 4.89 22.44 2.78
C TYR C 56 6.10 21.92 3.58
N THR C 57 7.26 22.58 3.39
CA THR C 57 8.47 22.27 4.19
C THR C 57 8.21 22.47 5.70
N GLY C 58 9.01 21.75 6.48
CA GLY C 58 9.00 21.81 7.94
C GLY C 58 9.18 23.24 8.47
N ASP C 59 9.96 24.07 7.77
CA ASP C 59 10.13 25.49 8.15
C ASP C 59 9.02 26.44 7.61
N LEU C 60 8.04 25.86 6.89
CA LEU C 60 6.87 26.57 6.33
C LEU C 60 7.18 27.60 5.21
N LYS C 61 8.43 27.61 4.76
CA LYS C 61 8.90 28.59 3.75
C LYS C 61 8.52 28.24 2.31
N LYS C 62 8.35 26.94 2.01
CA LYS C 62 8.18 26.48 0.61
C LYS C 62 7.08 25.45 0.49
N ARG C 63 6.28 25.61 -0.57
CA ARG C 63 5.35 24.58 -1.06
C ARG C 63 6.20 23.54 -1.78
N VAL C 64 6.10 22.26 -1.34
CA VAL C 64 6.81 21.17 -2.01
C VAL C 64 5.93 20.37 -2.96
N GLY C 65 4.64 20.25 -2.65
CA GLY C 65 3.86 19.28 -3.42
C GLY C 65 2.54 19.00 -2.71
N ILE C 66 2.21 17.72 -2.66
CA ILE C 66 0.92 17.26 -2.12
C ILE C 66 1.06 15.92 -1.41
N THR C 67 0.04 15.65 -0.60
CA THR C 67 -0.26 14.23 -0.23
C THR C 67 -1.30 13.68 -1.18
N ALA C 68 -1.32 12.37 -1.34
CA ALA C 68 -2.31 11.76 -2.26
C ALA C 68 -2.52 10.29 -1.89
N GLY C 69 -3.75 9.89 -1.61
CA GLY C 69 -4.00 8.45 -1.41
C GLY C 69 -5.37 8.18 -0.79
N LEU C 70 -5.45 7.16 0.06
CA LEU C 70 -6.75 6.63 0.45
C LEU C 70 -6.74 6.35 1.94
N CYS C 71 -7.75 6.86 2.66
CA CYS C 71 -8.00 6.46 4.08
C CYS C 71 -9.17 5.50 4.06
N VAL C 72 -8.98 4.35 4.71
CA VAL C 72 -10.01 3.33 4.83
C VAL C 72 -10.48 3.39 6.26
N VAL C 73 -11.74 3.72 6.48
CA VAL C 73 -12.22 3.71 7.89
C VAL C 73 -12.24 2.28 8.47
N ILE C 74 -11.71 2.14 9.67
CA ILE C 74 -11.69 0.87 10.38
C ILE C 74 -12.76 0.82 11.45
N GLU C 75 -12.86 1.88 12.26
CA GLU C 75 -13.90 1.94 13.31
C GLU C 75 -14.03 3.35 13.88
N HIS C 76 -15.23 3.70 14.34
CA HIS C 76 -15.35 4.84 15.20
C HIS C 76 -14.93 4.43 16.62
N VAL C 77 -14.31 5.35 17.38
CA VAL C 77 -13.80 5.09 18.71
C VAL C 77 -14.50 6.09 19.66
N PRO C 78 -15.68 5.73 20.11
CA PRO C 78 -16.38 6.78 20.89
C PRO C 78 -15.70 7.23 22.21
N GLU C 79 -14.95 6.35 22.90
CA GLU C 79 -14.24 6.73 24.13
C GLU C 79 -13.08 7.71 23.92
N LYS C 80 -12.61 7.79 22.66
CA LYS C 80 -11.56 8.70 22.27
C LYS C 80 -12.11 9.84 21.45
N LYS C 81 -13.42 9.82 21.20
CA LYS C 81 -14.07 10.86 20.46
C LYS C 81 -13.39 11.05 19.08
N GLY C 82 -13.10 9.95 18.39
CA GLY C 82 -12.40 10.06 17.10
C GLY C 82 -12.59 8.79 16.27
N GLU C 83 -11.81 8.70 15.19
CA GLU C 83 -11.85 7.57 14.22
C GLU C 83 -10.49 6.92 14.09
N ARG C 84 -10.49 5.63 13.79
CA ARG C 84 -9.26 4.96 13.33
C ARG C 84 -9.43 4.71 11.84
N PHE C 85 -8.46 5.24 11.05
CA PHE C 85 -8.33 4.93 9.64
C PHE C 85 -7.06 4.08 9.44
N GLU C 86 -7.09 3.30 8.36
CA GLU C 86 -5.87 2.65 7.81
C GLU C 86 -5.55 3.39 6.52
N ALA C 87 -4.38 4.00 6.43
CA ALA C 87 -4.05 4.95 5.36
C ALA C 87 -2.95 4.41 4.45
N THR C 88 -3.11 4.59 3.12
CA THR C 88 -2.11 4.19 2.16
C THR C 88 -1.97 5.41 1.22
N TYR C 89 -0.80 6.07 1.24
CA TYR C 89 -0.64 7.32 0.47
C TYR C 89 0.82 7.75 0.27
N SER C 90 0.98 8.77 -0.56
CA SER C 90 2.34 9.23 -0.89
C SER C 90 2.44 10.73 -0.61
N PHE C 91 3.69 11.18 -0.44
CA PHE C 91 4.05 12.57 -0.18
C PHE C 91 4.89 12.93 -1.37
N TYR C 92 4.48 13.98 -2.08
CA TYR C 92 5.17 14.42 -3.32
C TYR C 92 6.01 15.66 -3.13
N PHE C 93 7.25 15.60 -3.62
CA PHE C 93 8.25 16.64 -3.38
C PHE C 93 8.71 17.21 -4.75
N GLY C 94 7.76 17.56 -5.61
CA GLY C 94 8.10 18.25 -6.87
C GLY C 94 9.11 17.43 -7.67
N ASP C 95 10.22 18.06 -8.11
CA ASP C 95 11.22 17.35 -8.94
CA ASP C 95 11.23 17.37 -8.94
C ASP C 95 12.01 16.32 -8.17
N TYR C 96 11.94 16.35 -6.84
CA TYR C 96 12.82 15.47 -6.08
C TYR C 96 12.35 14.04 -6.01
N GLY C 97 11.04 13.81 -6.14
CA GLY C 97 10.52 12.43 -6.02
C GLY C 97 9.43 12.36 -4.99
N HIS C 98 9.29 11.17 -4.39
CA HIS C 98 8.19 11.01 -3.41
C HIS C 98 8.54 9.95 -2.39
N LEU C 99 7.81 9.99 -1.28
CA LEU C 99 7.83 8.96 -0.21
C LEU C 99 6.46 8.32 -0.12
N SER C 100 6.41 7.01 0.14
CA SER C 100 5.14 6.30 0.27
C SER C 100 5.06 5.71 1.71
N VAL C 101 3.83 5.63 2.24
CA VAL C 101 3.59 5.20 3.63
C VAL C 101 2.37 4.26 3.71
N GLN C 102 2.34 3.49 4.80
CA GLN C 102 1.20 2.66 5.17
CA GLN C 102 1.24 2.59 5.15
C GLN C 102 1.11 2.55 6.67
N GLY C 103 -0.12 2.69 7.19
CA GLY C 103 -0.29 2.58 8.63
C GLY C 103 -1.48 3.32 9.22
N PRO C 104 -1.45 3.52 10.56
CA PRO C 104 -2.60 4.05 11.24
C PRO C 104 -2.70 5.60 11.18
N TYR C 105 -3.90 6.14 10.87
CA TYR C 105 -4.17 7.56 11.04
C TYR C 105 -5.33 7.58 12.05
N LEU C 106 -5.01 8.06 13.24
CA LEU C 106 -5.96 8.12 14.35
C LEU C 106 -6.32 9.60 14.54
N THR C 107 -7.60 9.98 14.45
CA THR C 107 -7.91 11.42 14.49
C THR C 107 -7.64 11.99 15.88
N TYR C 108 -7.52 11.07 16.86
CA TYR C 108 -7.51 11.40 18.29
C TYR C 108 -6.13 11.40 18.96
N GLU C 109 -5.10 10.90 18.26
CA GLU C 109 -3.76 10.88 18.83
C GLU C 109 -2.69 10.75 17.76
N ASP C 110 -1.46 11.06 18.12
CA ASP C 110 -0.30 10.84 17.24
C ASP C 110 -0.10 9.34 16.94
N SER C 111 0.43 9.06 15.76
CA SER C 111 0.72 7.71 15.34
C SER C 111 2.03 7.60 14.57
N PHE C 112 2.51 6.37 14.38
CA PHE C 112 3.65 6.15 13.47
C PHE C 112 3.22 5.32 12.25
N LEU C 113 3.58 5.77 11.06
CA LEU C 113 3.30 4.97 9.89
C LEU C 113 4.62 4.36 9.34
N ALA C 114 4.53 3.22 8.65
CA ALA C 114 5.68 2.63 7.99
C ALA C 114 6.02 3.40 6.72
N ILE C 115 7.32 3.60 6.46
CA ILE C 115 7.74 4.13 5.16
C ILE C 115 7.98 2.97 4.23
N THR C 116 7.13 2.82 3.22
CA THR C 116 7.16 1.61 2.40
C THR C 116 8.17 1.70 1.27
N GLY C 117 8.59 2.95 0.96
CA GLY C 117 9.62 3.16 -0.02
C GLY C 117 9.53 4.57 -0.55
N GLY C 118 10.37 4.85 -1.55
CA GLY C 118 10.36 6.17 -2.20
C GLY C 118 10.86 6.09 -3.65
N ALA C 119 10.79 7.25 -4.31
CA ALA C 119 11.41 7.38 -5.65
C ALA C 119 12.18 8.72 -5.70
N GLY C 120 13.10 8.80 -6.66
CA GLY C 120 13.87 10.05 -6.92
C GLY C 120 14.92 10.01 -5.83
N ILE C 121 15.13 11.17 -5.18
CA ILE C 121 16.13 11.25 -4.13
C ILE C 121 15.71 10.34 -2.95
N PHE C 122 14.44 9.93 -2.93
CA PHE C 122 13.94 9.06 -1.90
C PHE C 122 14.01 7.58 -2.25
N GLU C 123 14.59 7.25 -3.40
CA GLU C 123 14.78 5.84 -3.70
C GLU C 123 15.52 5.15 -2.53
N GLY C 124 15.02 3.99 -2.12
CA GLY C 124 15.70 3.29 -1.01
C GLY C 124 15.24 3.65 0.41
N ALA C 125 14.33 4.63 0.53
CA ALA C 125 13.96 5.15 1.81
C ALA C 125 13.25 4.05 2.59
N TYR C 126 13.52 4.04 3.88
CA TYR C 126 12.79 3.16 4.80
C TYR C 126 12.86 3.75 6.20
N GLY C 127 12.11 3.15 7.13
CA GLY C 127 11.98 3.68 8.47
C GLY C 127 10.53 3.95 8.78
N GLN C 128 10.27 4.79 9.79
CA GLN C 128 8.90 5.19 10.20
C GLN C 128 8.75 6.72 10.20
N VAL C 129 7.51 7.20 10.18
CA VAL C 129 7.22 8.64 10.17
C VAL C 129 6.21 8.91 11.28
N LYS C 130 6.43 9.96 12.03
CA LYS C 130 5.53 10.29 13.09
C LYS C 130 4.53 11.28 12.50
N LEU C 131 3.25 10.96 12.66
CA LEU C 131 2.15 11.83 12.39
C LEU C 131 1.59 12.53 13.64
N GLN C 132 1.59 13.86 13.62
CA GLN C 132 0.97 14.67 14.68
C GLN C 132 -0.17 15.46 14.13
N GLN C 133 -1.35 15.20 14.63
CA GLN C 133 -2.44 16.07 14.13
C GLN C 133 -2.59 17.31 14.99
N LEU C 134 -2.51 18.46 14.34
CA LEU C 134 -2.49 19.75 15.00
C LEU C 134 -3.85 20.36 15.06
N VAL C 135 -4.51 20.44 13.90
CA VAL C 135 -5.91 20.89 13.80
C VAL C 135 -6.67 19.88 12.96
N TYR C 136 -7.66 19.25 13.56
CA TYR C 136 -8.55 18.35 12.83
C TYR C 136 -9.61 19.08 11.99
N PRO C 137 -9.71 18.70 10.73
CA PRO C 137 -8.82 17.82 10.01
C PRO C 137 -7.82 18.54 9.11
N THR C 138 -7.54 19.81 9.37
CA THR C 138 -6.92 20.64 8.30
C THR C 138 -5.41 20.85 8.33
N LYS C 139 -4.77 20.61 9.48
CA LYS C 139 -3.31 20.74 9.63
C LYS C 139 -2.68 19.52 10.27
N LEU C 140 -1.71 18.94 9.59
CA LEU C 140 -0.95 17.84 10.24
C LEU C 140 0.52 18.13 10.12
N PHE C 141 1.30 17.65 11.07
CA PHE C 141 2.75 17.74 11.01
C PHE C 141 3.39 16.37 11.00
N TYR C 142 4.42 16.18 10.17
CA TYR C 142 5.09 14.85 10.11
C TYR C 142 6.60 14.94 10.29
N THR C 143 7.20 13.95 10.94
CA THR C 143 8.70 13.84 10.98
C THR C 143 9.02 12.45 10.47
N PHE C 144 9.62 12.38 9.26
CA PHE C 144 10.14 11.12 8.74
C PHE C 144 11.51 10.83 9.33
N TYR C 145 11.71 9.63 9.87
CA TYR C 145 13.06 9.21 10.34
C TYR C 145 13.71 8.35 9.26
N LEU C 146 14.28 9.06 8.27
CA LEU C 146 14.67 8.45 6.97
C LEU C 146 15.97 7.70 7.04
N LYS C 147 15.89 6.39 6.76
CA LYS C 147 17.09 5.60 6.43
C LYS C 147 17.14 5.20 4.94
N GLY C 148 18.33 4.84 4.49
CA GLY C 148 18.55 4.27 3.18
C GLY C 148 18.75 5.28 2.05
N LEU C 149 18.76 6.59 2.35
CA LEU C 149 18.95 7.59 1.25
C LEU C 149 20.40 7.49 0.72
N ALA C 150 20.54 7.64 -0.60
CA ALA C 150 21.84 7.77 -1.27
C ALA C 150 22.62 9.01 -0.80
N ASN C 151 21.95 10.15 -0.61
CA ASN C 151 22.66 11.36 -0.31
C ASN C 151 22.05 12.17 0.81
N ASP C 152 22.79 13.15 1.33
CA ASP C 152 22.15 14.10 2.22
C ASP C 152 21.01 14.80 1.47
N LEU C 153 19.95 15.07 2.24
CA LEU C 153 18.77 15.77 1.73
C LEU C 153 19.14 17.18 1.31
N PRO C 154 18.48 17.71 0.27
CA PRO C 154 18.82 19.08 -0.11
C PRO C 154 18.50 20.08 1.00
N LEU C 155 19.36 21.09 1.14
CA LEU C 155 19.18 22.14 2.15
C LEU C 155 17.82 22.81 2.13
N GLU C 156 17.23 23.02 0.97
CA GLU C 156 15.90 23.70 0.99
C GLU C 156 14.76 22.88 1.63
N LEU C 157 14.98 21.58 1.80
CA LEU C 157 14.06 20.73 2.55
C LEU C 157 14.40 20.52 4.04
N THR C 158 15.59 20.95 4.50
CA THR C 158 15.96 20.62 5.87
C THR C 158 16.15 21.86 6.76
N GLY C 159 15.55 22.97 6.36
CA GLY C 159 15.48 24.16 7.23
C GLY C 159 14.91 23.77 8.56
N THR C 160 15.39 24.39 9.65
CA THR C 160 14.91 24.05 11.00
C THR C 160 13.38 24.17 11.04
N PRO C 161 12.67 23.10 11.45
CA PRO C 161 11.20 23.24 11.45
C PRO C 161 10.63 24.28 12.42
N VAL C 162 9.53 24.88 12.03
CA VAL C 162 8.67 25.64 12.94
C VAL C 162 8.06 24.64 13.93
N PRO C 163 8.19 24.87 15.25
CA PRO C 163 7.55 23.97 16.20
C PRO C 163 6.04 23.87 15.94
N PRO C 164 5.50 22.63 15.92
CA PRO C 164 4.09 22.54 15.57
C PRO C 164 3.11 23.14 16.63
N SER C 165 2.16 23.92 16.13
CA SER C 165 1.21 24.63 16.94
C SER C 165 -0.07 24.70 16.10
N LYS C 166 -1.20 24.99 16.76
CA LYS C 166 -2.49 25.10 16.06
C LYS C 166 -2.50 26.27 15.06
N ASP C 167 -1.67 27.26 15.38
CA ASP C 167 -1.65 28.55 14.67
C ASP C 167 -0.67 28.67 13.50
N ILE C 168 0.10 27.61 13.21
CA ILE C 168 1.08 27.64 12.13
C ILE C 168 0.40 27.99 10.78
N GLU C 169 1.12 28.72 9.93
CA GLU C 169 0.64 29.08 8.60
C GLU C 169 1.81 29.05 7.63
N PRO C 170 1.57 28.61 6.40
CA PRO C 170 2.76 28.73 5.53
C PRO C 170 3.18 30.21 5.30
N ALA C 171 4.45 30.42 4.98
CA ALA C 171 4.93 31.75 4.56
C ALA C 171 4.07 32.28 3.43
N PRO C 172 3.82 33.60 3.42
CA PRO C 172 2.91 34.13 2.36
C PRO C 172 3.40 33.84 0.93
N GLU C 173 4.71 33.81 0.73
CA GLU C 173 5.33 33.48 -0.57
C GLU C 173 4.98 32.06 -1.03
N ALA C 174 4.90 31.17 -0.05
CA ALA C 174 4.54 29.77 -0.30
C ALA C 174 3.03 29.64 -0.63
N LYS C 175 2.19 30.33 0.13
CA LYS C 175 0.76 30.39 -0.14
C LYS C 175 0.43 30.96 -1.55
N ALA C 176 1.17 32.01 -1.95
CA ALA C 176 0.97 32.75 -3.20
C ALA C 176 1.73 32.12 -4.38
N LEU C 177 2.52 31.10 -4.10
CA LEU C 177 3.19 30.32 -5.14
C LEU C 177 4.25 31.14 -5.94
N GLU C 178 4.96 32.00 -5.23
CA GLU C 178 6.08 32.77 -5.75
C GLU C 178 7.30 31.87 -5.82
N PRO C 179 8.17 32.09 -6.83
CA PRO C 179 9.33 31.19 -6.98
C PRO C 179 10.13 31.04 -5.70
N SER C 180 10.23 32.11 -4.89
CA SER C 180 10.95 32.03 -3.58
C SER C 180 10.26 31.11 -2.53
N GLY C 181 8.97 30.86 -2.72
CA GLY C 181 8.17 30.09 -1.78
C GLY C 181 7.78 28.71 -2.32
N VAL C 182 8.45 28.22 -3.38
CA VAL C 182 8.14 26.88 -3.95
C VAL C 182 9.39 26.13 -4.30
N ILE C 183 9.32 24.78 -4.36
CA ILE C 183 10.39 24.03 -4.97
C ILE C 183 10.11 23.91 -6.50
N SER C 184 11.15 23.54 -7.26
CA SER C 184 10.98 23.42 -8.73
C SER C 184 9.96 22.34 -9.08
N ASN C 185 9.07 22.62 -10.04
CA ASN C 185 8.00 21.70 -10.38
C ASN C 185 7.20 21.15 -9.18
N TYR C 186 6.96 21.98 -8.17
CA TYR C 186 6.19 21.55 -6.96
C TYR C 186 4.94 20.80 -7.43
N THR C 187 4.59 19.72 -6.72
CA THR C 187 3.45 18.92 -7.16
C THR C 187 2.11 19.59 -6.83
N ASN C 188 1.17 19.50 -7.75
CA ASN C 188 -0.12 20.12 -7.57
C ASN C 188 -1.18 19.25 -8.25
C1 GOL D . -8.88 -15.75 -17.64
O1 GOL D . -10.07 -15.64 -16.87
C2 GOL D . -8.95 -14.60 -18.62
O2 GOL D . -9.74 -15.04 -19.71
C3 GOL D . -7.56 -14.10 -19.07
O3 GOL D . -6.74 -13.61 -18.02
C1 GOL E . -5.11 20.77 -10.16
O1 GOL E . -5.26 19.94 -9.04
C2 GOL E . -4.80 19.90 -11.36
O2 GOL E . -5.95 19.80 -12.10
C3 GOL E . -3.70 20.47 -12.25
O3 GOL E . -2.44 20.14 -11.76
O1 EOD F . -20.49 -12.81 -2.48
C1 EOD F . -20.58 -13.30 -1.33
O2 EOD F . -20.60 -14.51 -1.06
C2 EOD F . -20.65 -12.31 -0.17
C3 EOD F . -20.31 -12.96 1.18
C4 EOD F . -18.90 -13.56 1.24
C5 EOD F . -18.09 -12.95 2.38
C6 EOD F . -16.59 -13.23 2.17
C7 EOD F . -15.71 -12.11 2.71
C8 EOD F . -14.23 -12.44 2.50
C9 EOD F . -13.58 -11.23 1.83
C10 EOD F . -12.32 -10.64 2.46
C11 EOD F . -11.85 -11.39 3.71
C12 EOD F . -11.86 -10.49 4.94
O3 EOD F . -12.33 -11.02 6.19
C13 EOD F . -10.92 -10.76 6.10
C14 EOD F . -9.98 -11.92 5.84
C15 EOD F . -8.70 -11.63 6.64
C16 EOD F . -7.41 -11.34 5.87
C17 EOD F . -7.49 -11.37 4.34
C18 EOD F . -6.25 -10.73 3.73
C1 GOL G . -14.42 -5.72 19.15
O1 GOL G . -13.04 -5.47 19.02
C2 GOL G . -15.09 -4.91 20.29
O2 GOL G . -14.31 -3.79 20.71
C3 GOL G . -16.47 -4.40 19.88
O3 GOL G . -16.21 -3.15 19.23
C1 GOL H . -17.23 2.01 -2.93
O1 GOL H . -18.16 1.12 -3.55
C2 GOL H . -17.26 3.35 -3.65
O2 GOL H . -17.26 3.21 -5.06
C3 GOL H . -18.56 4.11 -3.36
O3 GOL H . -18.73 4.12 -1.96
C1 GOL I . -5.04 23.71 -5.43
O1 GOL I . -4.04 22.71 -5.34
C2 GOL I . -5.57 23.94 -6.87
O2 GOL I . -4.56 24.43 -7.71
C3 GOL I . -5.95 22.58 -7.47
O3 GOL I . -6.93 22.74 -8.47
#